data_9JRI
#
_entry.id   9JRI
#
_cell.length_a   1.00
_cell.length_b   1.00
_cell.length_c   1.00
_cell.angle_alpha   90.00
_cell.angle_beta   90.00
_cell.angle_gamma   90.00
#
_symmetry.space_group_name_H-M   'P 1'
#
loop_
_entity.id
_entity.type
_entity.pdbx_description
1 polymer 'Soluble cytochrome b562,Reduced folate transporter,fusion protein'
2 non-polymer '5-METHYL-5,6,7,8-TETRAHYDROFOLIC ACID'
#
_entity_poly.entity_id   1
_entity_poly.type   'polypeptide(L)'
_entity_poly.pdbx_seq_one_letter_code
;MADLEDNWETLNDNLKVIEKADNAAQVKDALTKMRAAALDAQKATPPKLEDKSPDSPEMKDFRHGFDILVGQIDDALKLA
NEGKVKEAQAAAEQLKTTRNAYIQKYLSWRHLVCYLCFYGFMAQIRPGESFITPYLLGPDKQFTREQVTNEITPVLSYSY
LAVLVPVFLLTDYLRYTPVLLLQGLSFVSVWLLLLLGHSVAHMQLMELFYSVTMAARIAYSSYIFSLVRPARYQRVAGYS
RAAVLLGVFTSSVLGQLLVTVGRVSFSTLNYISLAFLTFSVVLALFLKRPKRSLFFNRDDRGRCETSASELERMNPGPGG
KLGHALRVACGDSVLARMLRELGDSLRRPQLRLWSLWWVFNSAGYYLVVYYVHILWNEVDPTTNSARVYNWAADAASTLL
GAITSFAAGFVKIRWARWSKLLIAGVTATQAGLVFLLAHTRHPSSIWLCYAAFVLFRGSYQFLVPIATFQIASSLSKELC
ALVFGVNTFFATIVKTIITFIVSDVRGLGLPVRKQFQLYSVYFLILSIIYFLGAMLDGLRHAEEEKRKAEEEKRKGSGSQ
VQLQESGGGLVQPGGSLRLSCAASGRTISRYAMSWFRQAPGKEREFVAVARRSGDGAFYADSVQGRFTVSRDDAKNTVYL
QMNSLKPEDTAVYYCAIDSDTFYSGSYDYWGQGTQVTVSSHHHHHHHHHH
;
_entity_poly.pdbx_strand_id   A
#
# COMPACT_ATOMS: atom_id res chain seq x y z
N SER A 108 9.32 8.42 -27.95
CA SER A 108 9.52 8.06 -26.55
C SER A 108 9.17 6.61 -26.29
N TRP A 109 9.73 5.70 -27.09
CA TRP A 109 9.50 4.28 -26.86
C TRP A 109 10.11 3.83 -25.54
N ARG A 110 11.27 4.40 -25.20
CA ARG A 110 11.97 4.08 -23.97
C ARG A 110 11.66 5.07 -22.84
N HIS A 111 11.10 6.23 -23.16
CA HIS A 111 10.90 7.29 -22.20
C HIS A 111 9.49 7.30 -21.60
N LEU A 112 8.65 6.33 -21.95
CA LEU A 112 7.25 6.35 -21.54
C LEU A 112 6.96 5.45 -20.35
N VAL A 113 7.26 4.16 -20.47
CA VAL A 113 6.92 3.20 -19.42
C VAL A 113 8.16 2.87 -18.62
N CYS A 114 9.33 2.84 -19.27
CA CYS A 114 10.57 2.62 -18.55
C CYS A 114 10.86 3.78 -17.61
N TYR A 115 10.68 5.02 -18.09
CA TYR A 115 10.92 6.17 -17.23
C TYR A 115 9.89 6.24 -16.11
N LEU A 116 8.64 5.86 -16.38
CA LEU A 116 7.62 5.92 -15.33
C LEU A 116 7.92 4.90 -14.23
N CYS A 117 8.34 3.69 -14.60
CA CYS A 117 8.73 2.72 -13.59
C CYS A 117 10.01 3.15 -12.88
N PHE A 118 10.92 3.81 -13.58
CA PHE A 118 12.11 4.37 -12.94
C PHE A 118 11.73 5.39 -11.88
N TYR A 119 10.79 6.29 -12.20
CA TYR A 119 10.33 7.26 -11.22
C TYR A 119 9.60 6.57 -10.07
N GLY A 120 8.81 5.55 -10.38
CA GLY A 120 8.13 4.82 -9.31
C GLY A 120 9.11 4.17 -8.35
N PHE A 121 10.24 3.68 -8.88
CA PHE A 121 11.27 3.11 -8.03
C PHE A 121 11.97 4.17 -7.21
N MET A 122 12.38 5.27 -7.85
CA MET A 122 13.18 6.28 -7.16
C MET A 122 12.38 7.15 -6.21
N ALA A 123 11.07 7.27 -6.41
CA ALA A 123 10.24 8.05 -5.51
C ALA A 123 9.96 7.33 -4.20
N GLN A 124 10.06 6.01 -4.19
CA GLN A 124 9.85 5.21 -2.99
C GLN A 124 11.13 4.96 -2.22
N ILE A 125 12.26 5.50 -2.67
CA ILE A 125 13.52 5.36 -1.95
C ILE A 125 13.56 6.40 -0.84
N ARG A 126 13.60 5.93 0.41
CA ARG A 126 13.63 6.81 1.58
C ARG A 126 14.42 6.08 2.65
N PRO A 127 15.75 6.18 2.63
CA PRO A 127 16.56 5.44 3.60
C PRO A 127 16.24 5.77 5.05
N GLY A 128 15.86 7.02 5.33
CA GLY A 128 15.55 7.42 6.69
C GLY A 128 14.11 7.27 7.11
N GLU A 129 13.25 6.70 6.27
CA GLU A 129 11.84 6.60 6.62
C GLU A 129 11.60 5.55 7.71
N SER A 130 12.22 4.38 7.57
CA SER A 130 11.94 3.28 8.49
C SER A 130 12.41 3.57 9.91
N PHE A 131 13.26 4.58 10.09
CA PHE A 131 13.81 4.91 11.40
C PHE A 131 13.29 6.25 11.92
N ILE A 132 12.06 6.61 11.55
CA ILE A 132 11.50 7.88 12.01
C ILE A 132 11.28 7.86 13.51
N THR A 133 10.63 6.79 13.98
CA THR A 133 10.35 6.64 15.44
C THR A 133 11.68 6.73 16.20
N PRO A 134 12.66 5.82 16.00
CA PRO A 134 13.91 5.89 16.79
C PRO A 134 14.64 7.22 16.65
N TYR A 135 14.54 7.86 15.49
CA TYR A 135 15.13 9.19 15.32
C TYR A 135 14.46 10.20 16.24
N LEU A 136 13.13 10.16 16.32
CA LEU A 136 12.43 11.05 17.25
C LEU A 136 12.76 10.70 18.70
N LEU A 137 12.80 9.41 19.03
CA LEU A 137 13.07 8.96 20.39
C LEU A 137 14.58 8.75 20.54
N GLY A 138 15.27 9.85 20.80
CA GLY A 138 16.71 9.81 20.99
C GLY A 138 17.29 11.19 21.21
N PRO A 139 18.62 11.28 21.29
CA PRO A 139 19.26 12.58 21.50
C PRO A 139 19.32 13.40 20.23
N ASP A 140 18.21 13.43 19.50
CA ASP A 140 18.05 14.21 18.28
C ASP A 140 16.80 15.08 18.32
N LYS A 141 15.72 14.59 18.92
CA LYS A 141 14.52 15.38 19.11
C LYS A 141 14.07 15.44 20.55
N GLN A 142 14.62 14.61 21.44
CA GLN A 142 14.30 14.61 22.87
C GLN A 142 12.82 14.35 23.11
N PHE A 143 12.19 13.55 22.25
CA PHE A 143 10.80 13.21 22.43
C PHE A 143 10.65 12.06 23.43
N THR A 144 9.40 11.77 23.77
CA THR A 144 9.07 10.65 24.65
C THR A 144 8.19 9.66 23.90
N ARG A 145 8.17 8.42 24.38
CA ARG A 145 7.35 7.39 23.74
C ARG A 145 5.88 7.77 23.79
N GLU A 146 5.42 8.30 24.92
CA GLU A 146 4.02 8.70 25.05
C GLU A 146 3.67 9.80 24.06
N GLN A 147 4.55 10.81 23.91
CA GLN A 147 4.27 11.89 22.99
C GLN A 147 4.13 11.39 21.56
N VAL A 148 5.04 10.52 21.13
CA VAL A 148 5.01 10.03 19.75
C VAL A 148 3.79 9.13 19.54
N THR A 149 3.48 8.28 20.52
CA THR A 149 2.43 7.30 20.30
C THR A 149 1.03 7.80 20.63
N ASN A 150 0.89 9.01 21.18
CA ASN A 150 -0.42 9.65 21.32
C ASN A 150 -0.60 10.85 20.41
N GLU A 151 0.30 11.83 20.47
CA GLU A 151 0.08 13.11 19.80
C GLU A 151 0.62 13.16 18.38
N ILE A 152 1.35 12.14 17.93
CA ILE A 152 2.04 12.17 16.64
C ILE A 152 1.57 11.05 15.72
N THR A 153 1.67 9.80 16.18
CA THR A 153 1.31 8.68 15.32
C THR A 153 -0.15 8.67 14.90
N PRO A 154 -1.14 8.86 15.78
CA PRO A 154 -2.53 8.85 15.31
C PRO A 154 -2.88 9.96 14.34
N VAL A 155 -2.08 11.03 14.28
CA VAL A 155 -2.31 12.08 13.29
C VAL A 155 -2.23 11.49 11.90
N LEU A 156 -1.41 10.47 11.69
CA LEU A 156 -1.34 9.81 10.40
C LEU A 156 -2.69 9.21 10.02
N SER A 157 -3.34 8.51 10.95
CA SER A 157 -4.63 7.91 10.64
C SER A 157 -5.71 8.96 10.42
N TYR A 158 -5.76 9.97 11.30
CA TYR A 158 -6.73 11.05 11.12
C TYR A 158 -6.58 11.70 9.75
N SER A 159 -5.34 12.08 9.39
CA SER A 159 -5.12 12.75 8.13
C SER A 159 -5.36 11.84 6.94
N TYR A 160 -5.02 10.55 7.05
CA TYR A 160 -5.20 9.63 5.94
C TYR A 160 -6.68 9.48 5.61
N LEU A 161 -7.50 9.17 6.63
CA LEU A 161 -8.90 8.96 6.33
C LEU A 161 -9.61 10.31 6.39
N ALA A 162 -8.97 11.35 5.87
CA ALA A 162 -9.60 12.63 5.58
C ALA A 162 -9.13 13.12 4.21
N VAL A 163 -7.85 12.88 3.92
CA VAL A 163 -7.23 13.39 2.71
C VAL A 163 -7.30 12.38 1.58
N LEU A 164 -7.61 11.12 1.89
CA LEU A 164 -7.88 10.18 0.82
C LEU A 164 -9.09 10.59 -0.02
N VAL A 165 -9.98 11.41 0.52
CA VAL A 165 -11.20 11.82 -0.18
C VAL A 165 -10.91 12.87 -1.26
N PRO A 166 -10.38 14.06 -0.93
CA PRO A 166 -10.17 15.04 -2.01
C PRO A 166 -9.17 14.57 -3.05
N VAL A 167 -8.15 13.81 -2.63
CA VAL A 167 -7.12 13.36 -3.57
C VAL A 167 -7.74 12.50 -4.65
N PHE A 168 -8.55 11.51 -4.27
CA PHE A 168 -9.19 10.68 -5.28
C PHE A 168 -10.28 11.45 -6.01
N LEU A 169 -10.95 12.38 -5.33
CA LEU A 169 -12.04 13.11 -5.95
C LEU A 169 -11.56 13.93 -7.13
N LEU A 170 -10.43 14.61 -6.99
CA LEU A 170 -9.95 15.50 -8.04
C LEU A 170 -8.71 15.00 -8.77
N THR A 171 -8.17 13.82 -8.42
CA THR A 171 -6.89 13.42 -8.98
C THR A 171 -6.97 13.18 -10.49
N ASP A 172 -8.05 12.58 -10.96
CA ASP A 172 -8.19 12.36 -12.39
C ASP A 172 -8.65 13.60 -13.13
N TYR A 173 -9.07 14.64 -12.42
CA TYR A 173 -9.46 15.89 -13.07
C TYR A 173 -8.24 16.66 -13.55
N LEU A 174 -7.18 16.72 -12.75
CA LEU A 174 -6.02 17.54 -13.07
C LEU A 174 -4.90 16.72 -13.70
N ARG A 175 -5.21 15.53 -14.23
CA ARG A 175 -4.35 14.76 -15.11
C ARG A 175 -3.17 14.10 -14.42
N TYR A 176 -3.27 13.86 -13.12
CA TYR A 176 -2.39 12.97 -12.35
C TYR A 176 -0.96 13.47 -12.21
N THR A 177 -0.56 14.51 -12.93
CA THR A 177 0.81 14.97 -12.80
C THR A 177 0.99 15.96 -11.64
N PRO A 178 0.16 17.01 -11.54
CA PRO A 178 0.35 17.95 -10.42
C PRO A 178 0.22 17.31 -9.06
N VAL A 179 -0.65 16.31 -8.92
CA VAL A 179 -0.81 15.65 -7.64
C VAL A 179 0.38 14.73 -7.34
N LEU A 180 1.00 14.15 -8.38
CA LEU A 180 2.25 13.44 -8.15
C LEU A 180 3.36 14.38 -7.70
N LEU A 181 3.45 15.55 -8.33
CA LEU A 181 4.39 16.56 -7.88
C LEU A 181 4.09 16.99 -6.45
N LEU A 182 2.80 17.07 -6.11
CA LEU A 182 2.41 17.42 -4.75
C LEU A 182 2.81 16.34 -3.76
N GLN A 183 2.71 15.07 -4.15
CA GLN A 183 3.18 13.99 -3.29
C GLN A 183 4.68 14.07 -3.07
N GLY A 184 5.44 14.33 -4.14
CA GLY A 184 6.88 14.49 -3.99
C GLY A 184 7.25 15.66 -3.08
N LEU A 185 6.59 16.81 -3.30
CA LEU A 185 6.82 17.96 -2.45
C LEU A 185 6.38 17.69 -1.02
N SER A 186 5.39 16.83 -0.83
CA SER A 186 4.95 16.50 0.52
C SER A 186 5.97 15.61 1.23
N PHE A 187 6.60 14.69 0.49
CA PHE A 187 7.71 13.94 1.07
C PHE A 187 8.87 14.86 1.43
N VAL A 188 9.19 15.81 0.55
CA VAL A 188 10.24 16.78 0.85
C VAL A 188 9.88 17.59 2.08
N SER A 189 8.60 17.98 2.21
CA SER A 189 8.16 18.72 3.38
C SER A 189 8.22 17.88 4.64
N VAL A 190 7.91 16.58 4.54
CA VAL A 190 8.05 15.68 5.67
C VAL A 190 9.49 15.70 6.16
N TRP A 191 10.44 15.57 5.23
CA TRP A 191 11.83 15.52 5.68
C TRP A 191 12.37 16.88 6.11
N LEU A 192 11.83 17.98 5.56
CA LEU A 192 12.17 19.29 6.09
C LEU A 192 11.68 19.48 7.51
N LEU A 193 10.46 19.01 7.80
CA LEU A 193 9.97 19.06 9.17
C LEU A 193 10.81 18.17 10.08
N LEU A 194 11.22 17.00 9.57
CA LEU A 194 12.03 16.09 10.37
C LEU A 194 13.39 16.71 10.69
N LEU A 195 14.03 17.33 9.71
CA LEU A 195 15.35 17.93 9.98
C LEU A 195 15.23 19.19 10.81
N LEU A 196 14.13 19.93 10.61
CA LEU A 196 13.92 21.20 11.36
C LEU A 196 12.55 21.17 12.04
N GLY A 197 12.46 20.58 13.23
CA GLY A 197 11.22 20.50 13.97
C GLY A 197 11.46 20.24 15.44
N HIS A 198 10.84 21.04 16.30
CA HIS A 198 11.00 20.88 17.74
C HIS A 198 9.68 20.65 18.45
N SER A 199 8.68 21.50 18.22
CA SER A 199 7.39 21.33 18.85
C SER A 199 6.67 20.12 18.26
N VAL A 200 5.76 19.55 19.06
CA VAL A 200 4.97 18.42 18.59
C VAL A 200 4.06 18.81 17.44
N ALA A 201 3.72 20.11 17.33
CA ALA A 201 2.87 20.54 16.22
C ALA A 201 3.56 20.33 14.88
N HIS A 202 4.87 20.57 14.81
CA HIS A 202 5.60 20.33 13.58
C HIS A 202 5.61 18.85 13.20
N MET A 203 5.74 17.96 14.19
CA MET A 203 5.66 16.54 13.89
C MET A 203 4.26 16.12 13.48
N GLN A 204 3.22 16.74 14.05
CA GLN A 204 1.87 16.48 13.56
C GLN A 204 1.73 16.91 12.11
N LEU A 205 2.31 18.07 11.76
CA LEU A 205 2.30 18.51 10.37
C LEU A 205 3.04 17.52 9.47
N MET A 206 4.17 17.01 9.94
CA MET A 206 4.91 16.01 9.17
C MET A 206 4.09 14.76 8.95
N GLU A 207 3.39 14.30 9.98
CA GLU A 207 2.52 13.13 9.83
C GLU A 207 1.40 13.41 8.83
N LEU A 208 0.86 14.63 8.86
CA LEU A 208 -0.19 14.99 7.91
C LEU A 208 0.33 14.94 6.48
N PHE A 209 1.55 15.45 6.26
CA PHE A 209 2.12 15.43 4.91
C PHE A 209 2.43 14.00 4.46
N TYR A 210 2.93 13.17 5.38
CA TYR A 210 3.16 11.76 5.04
C TYR A 210 1.85 11.07 4.69
N SER A 211 0.78 11.38 5.42
CA SER A 211 -0.54 10.90 5.08
C SER A 211 -0.96 11.36 3.69
N VAL A 212 -0.63 12.60 3.34
CA VAL A 212 -0.95 13.11 2.00
C VAL A 212 -0.25 12.26 0.94
N THR A 213 1.03 11.93 1.16
CA THR A 213 1.73 11.08 0.21
C THR A 213 1.10 9.69 0.10
N MET A 214 0.74 9.12 1.25
CA MET A 214 0.10 7.80 1.24
C MET A 214 -1.22 7.84 0.47
N ALA A 215 -1.97 8.93 0.62
CA ALA A 215 -3.21 9.07 -0.15
C ALA A 215 -2.92 9.23 -1.63
N ALA A 216 -1.87 9.97 -1.99
CA ALA A 216 -1.58 10.28 -3.38
C ALA A 216 -0.90 9.14 -4.13
N ARG A 217 -0.48 8.07 -3.44
CA ARG A 217 0.07 6.92 -4.16
C ARG A 217 -0.88 6.38 -5.24
N ILE A 218 -2.19 6.45 -4.97
CA ILE A 218 -3.17 5.98 -5.95
C ILE A 218 -3.07 6.79 -7.24
N ALA A 219 -2.60 8.03 -7.15
CA ALA A 219 -2.45 8.86 -8.34
C ALA A 219 -1.43 8.28 -9.30
N TYR A 220 -0.29 7.84 -8.78
CA TYR A 220 0.67 7.14 -9.64
C TYR A 220 0.11 5.81 -10.12
N SER A 221 -0.58 5.10 -9.23
CA SER A 221 -1.16 3.81 -9.60
C SER A 221 -2.09 3.95 -10.80
N SER A 222 -2.81 5.06 -10.91
CA SER A 222 -3.72 5.29 -12.04
C SER A 222 -3.06 6.01 -13.20
N TYR A 223 -2.05 6.84 -12.94
CA TYR A 223 -1.29 7.48 -14.01
C TYR A 223 -0.62 6.44 -14.88
N ILE A 224 -0.26 5.30 -14.28
CA ILE A 224 0.28 4.18 -15.05
C ILE A 224 -0.67 3.80 -16.18
N PHE A 225 -1.96 3.66 -15.86
CA PHE A 225 -2.93 3.29 -16.88
C PHE A 225 -3.26 4.47 -17.79
N SER A 226 -3.19 5.69 -17.26
CA SER A 226 -3.50 6.86 -18.07
C SER A 226 -2.47 7.06 -19.18
N LEU A 227 -1.23 6.62 -18.97
CA LEU A 227 -0.19 6.80 -19.98
C LEU A 227 -0.33 5.82 -21.14
N VAL A 228 -0.20 4.52 -20.86
CA VAL A 228 -0.07 3.55 -21.94
C VAL A 228 -1.39 3.35 -22.67
N ARG A 229 -1.30 2.79 -23.87
CA ARG A 229 -2.49 2.49 -24.65
C ARG A 229 -3.30 1.40 -23.95
N PRO A 230 -4.63 1.49 -23.97
CA PRO A 230 -5.48 0.59 -23.17
C PRO A 230 -5.58 -0.82 -23.73
N ALA A 231 -4.44 -1.40 -24.09
CA ALA A 231 -4.36 -2.79 -24.53
C ALA A 231 -3.50 -3.63 -23.61
N ARG A 232 -2.27 -3.23 -23.37
CA ARG A 232 -1.37 -3.93 -22.44
C ARG A 232 -1.42 -3.30 -21.05
N TYR A 233 -2.61 -3.17 -20.48
CA TYR A 233 -2.73 -2.60 -19.14
C TYR A 233 -2.07 -3.48 -18.10
N GLN A 234 -2.25 -4.80 -18.22
CA GLN A 234 -1.71 -5.70 -17.21
C GLN A 234 -0.19 -5.71 -17.19
N ARG A 235 0.43 -5.74 -18.38
CA ARG A 235 1.89 -5.80 -18.45
C ARG A 235 2.54 -4.52 -17.96
N VAL A 236 1.81 -3.41 -17.91
CA VAL A 236 2.34 -2.16 -17.36
C VAL A 236 2.03 -2.04 -15.87
N ALA A 237 0.86 -2.52 -15.44
CA ALA A 237 0.55 -2.54 -14.02
C ALA A 237 1.53 -3.43 -13.26
N GLY A 238 1.86 -4.58 -13.83
CA GLY A 238 2.84 -5.45 -13.20
C GLY A 238 4.20 -4.78 -13.06
N TYR A 239 4.66 -4.13 -14.14
CA TYR A 239 5.95 -3.44 -14.10
C TYR A 239 5.92 -2.31 -13.08
N SER A 240 4.82 -1.57 -13.02
CA SER A 240 4.73 -0.45 -12.09
C SER A 240 4.76 -0.91 -10.64
N ARG A 241 3.97 -1.93 -10.31
CA ARG A 241 3.95 -2.42 -8.94
C ARG A 241 5.29 -3.04 -8.57
N ALA A 242 5.92 -3.73 -9.51
CA ALA A 242 7.25 -4.28 -9.25
C ALA A 242 8.26 -3.17 -9.00
N ALA A 243 8.18 -2.08 -9.76
CA ALA A 243 9.09 -0.96 -9.55
C ALA A 243 8.86 -0.31 -8.20
N VAL A 244 7.59 -0.11 -7.81
CA VAL A 244 7.30 0.49 -6.51
C VAL A 244 7.81 -0.38 -5.37
N LEU A 245 7.58 -1.69 -5.47
CA LEU A 245 8.01 -2.58 -4.39
C LEU A 245 9.52 -2.73 -4.36
N LEU A 246 10.18 -2.71 -5.53
CA LEU A 246 11.64 -2.65 -5.54
C LEU A 246 12.14 -1.39 -4.89
N GLY A 247 11.47 -0.26 -5.12
CA GLY A 247 11.86 0.98 -4.45
C GLY A 247 11.73 0.89 -2.95
N VAL A 248 10.62 0.32 -2.47
CA VAL A 248 10.42 0.19 -1.03
C VAL A 248 11.46 -0.75 -0.42
N PHE A 249 11.71 -1.88 -1.08
CA PHE A 249 12.70 -2.83 -0.59
C PHE A 249 14.09 -2.21 -0.57
N THR A 250 14.45 -1.48 -1.62
CA THR A 250 15.75 -0.82 -1.68
C THR A 250 15.86 0.23 -0.59
N SER A 251 14.80 0.99 -0.34
CA SER A 251 14.82 1.98 0.73
C SER A 251 15.07 1.33 2.08
N SER A 252 14.32 0.27 2.38
CA SER A 252 14.48 -0.41 3.66
C SER A 252 15.88 -1.00 3.81
N VAL A 253 16.36 -1.68 2.77
CA VAL A 253 17.69 -2.30 2.82
C VAL A 253 18.76 -1.23 2.98
N LEU A 254 18.68 -0.16 2.20
CA LEU A 254 19.69 0.89 2.25
C LEU A 254 19.72 1.55 3.63
N GLY A 255 18.55 1.88 4.18
CA GLY A 255 18.53 2.48 5.50
C GLY A 255 19.08 1.56 6.57
N GLN A 256 18.65 0.29 6.54
CA GLN A 256 19.08 -0.64 7.58
C GLN A 256 20.58 -0.90 7.49
N LEU A 257 21.11 -1.08 6.27
CA LEU A 257 22.53 -1.34 6.15
C LEU A 257 23.35 -0.09 6.44
N LEU A 258 22.79 1.09 6.21
CA LEU A 258 23.50 2.32 6.54
C LEU A 258 23.59 2.53 8.04
N VAL A 259 22.54 2.14 8.77
CA VAL A 259 22.57 2.34 10.22
C VAL A 259 23.23 1.18 10.96
N THR A 260 23.22 -0.02 10.38
CA THR A 260 23.71 -1.20 11.08
C THR A 260 25.12 -1.61 10.65
N VAL A 261 25.32 -1.88 9.35
CA VAL A 261 26.63 -2.29 8.88
C VAL A 261 27.62 -1.15 8.98
N GLY A 262 27.22 0.03 8.50
CA GLY A 262 28.04 1.22 8.63
C GLY A 262 27.77 1.96 9.92
N ARG A 263 28.50 3.05 10.11
CA ARG A 263 28.34 3.92 11.26
C ARG A 263 27.85 5.27 10.74
N VAL A 264 26.54 5.39 10.58
CA VAL A 264 25.90 6.59 10.07
C VAL A 264 24.90 7.07 11.10
N SER A 265 25.06 8.31 11.55
CA SER A 265 24.08 8.89 12.46
C SER A 265 22.77 9.12 11.74
N PHE A 266 21.69 9.20 12.52
CA PHE A 266 20.36 9.36 11.93
C PHE A 266 20.23 10.67 11.17
N SER A 267 20.97 11.70 11.58
CA SER A 267 20.91 12.98 10.89
C SER A 267 21.43 12.87 9.47
N THR A 268 22.57 12.19 9.30
CA THR A 268 23.14 12.03 7.96
C THR A 268 22.25 11.14 7.10
N LEU A 269 21.64 10.11 7.69
CA LEU A 269 20.70 9.27 6.95
C LEU A 269 19.49 10.07 6.50
N ASN A 270 18.98 10.95 7.37
CA ASN A 270 17.85 11.78 6.97
C ASN A 270 18.24 12.77 5.88
N TYR A 271 19.47 13.28 5.93
CA TYR A 271 19.94 14.14 4.84
C TYR A 271 20.02 13.37 3.52
N ILE A 272 20.49 12.13 3.57
CA ILE A 272 20.53 11.30 2.37
C ILE A 272 19.12 11.07 1.83
N SER A 273 18.17 10.80 2.73
CA SER A 273 16.79 10.58 2.30
C SER A 273 16.20 11.85 1.70
N LEU A 274 16.52 13.01 2.28
CA LEU A 274 16.06 14.28 1.72
C LEU A 274 16.63 14.50 0.32
N ALA A 275 17.90 14.18 0.12
CA ALA A 275 18.49 14.30 -1.22
C ALA A 275 17.80 13.38 -2.21
N PHE A 276 17.51 12.14 -1.79
CA PHE A 276 16.82 11.20 -2.68
C PHE A 276 15.42 11.71 -3.02
N LEU A 277 14.72 12.28 -2.05
CA LEU A 277 13.38 12.80 -2.31
C LEU A 277 13.43 14.02 -3.23
N THR A 278 14.45 14.87 -3.07
CA THR A 278 14.62 15.99 -3.99
C THR A 278 14.85 15.49 -5.42
N PHE A 279 15.69 14.46 -5.57
CA PHE A 279 15.89 13.89 -6.90
C PHE A 279 14.60 13.29 -7.44
N SER A 280 13.79 12.68 -6.56
CA SER A 280 12.51 12.13 -7.01
C SER A 280 11.58 13.23 -7.49
N VAL A 281 11.58 14.38 -6.81
CA VAL A 281 10.80 15.52 -7.28
C VAL A 281 11.30 16.00 -8.64
N VAL A 282 12.61 16.06 -8.80
CA VAL A 282 13.17 16.48 -10.09
C VAL A 282 12.74 15.52 -11.19
N LEU A 283 12.75 14.22 -10.89
CA LEU A 283 12.27 13.20 -11.83
C LEU A 283 10.81 13.33 -12.14
N ALA A 284 9.97 13.64 -11.15
CA ALA A 284 8.54 13.82 -11.37
C ALA A 284 8.21 15.08 -12.14
N LEU A 285 9.11 16.07 -12.12
CA LEU A 285 8.89 17.27 -12.92
C LEU A 285 8.74 16.96 -14.41
N PHE A 286 9.43 15.93 -14.90
CA PHE A 286 9.51 15.66 -16.33
C PHE A 286 8.45 14.68 -16.83
N LEU A 287 7.56 14.23 -15.96
CA LEU A 287 6.52 13.29 -16.39
C LEU A 287 5.58 13.95 -17.38
N LYS A 288 5.15 13.18 -18.37
CA LYS A 288 4.26 13.71 -19.41
C LYS A 288 2.85 13.82 -18.86
N ARG A 289 2.28 15.02 -18.92
CA ARG A 289 0.92 15.24 -18.43
C ARG A 289 -0.08 14.76 -19.47
N PRO A 290 -0.95 13.81 -19.14
CA PRO A 290 -1.91 13.30 -20.13
C PRO A 290 -2.97 14.33 -20.50
N LYS A 291 -3.89 13.92 -21.38
CA LYS A 291 -5.00 14.84 -21.79
C LYS A 291 -5.85 15.19 -20.56
N SER A 333 -21.24 21.22 -12.68
CA SER A 333 -20.94 20.36 -11.54
C SER A 333 -20.40 19.02 -12.01
N VAL A 334 -19.07 18.91 -12.07
CA VAL A 334 -18.44 17.67 -12.54
C VAL A 334 -18.66 16.53 -11.55
N LEU A 335 -18.88 16.82 -10.27
CA LEU A 335 -19.01 15.77 -9.28
C LEU A 335 -20.22 14.88 -9.56
N ALA A 336 -21.35 15.48 -9.93
CA ALA A 336 -22.55 14.68 -10.20
C ALA A 336 -22.34 13.76 -11.39
N ARG A 337 -21.75 14.27 -12.46
CA ARG A 337 -21.47 13.43 -13.63
C ARG A 337 -20.50 12.31 -13.28
N MET A 338 -19.48 12.62 -12.49
CA MET A 338 -18.52 11.61 -12.07
C MET A 338 -19.18 10.53 -11.23
N LEU A 339 -20.06 10.91 -10.31
CA LEU A 339 -20.75 9.93 -9.48
C LEU A 339 -21.70 9.07 -10.31
N ARG A 340 -22.39 9.67 -11.28
CA ARG A 340 -23.27 8.90 -12.15
C ARG A 340 -22.47 7.89 -12.96
N GLU A 341 -21.32 8.31 -13.51
CA GLU A 341 -20.49 7.37 -14.27
C GLU A 341 -19.92 6.28 -13.36
N LEU A 342 -19.60 6.66 -12.12
CA LEU A 342 -19.07 5.67 -11.15
C LEU A 342 -20.15 4.59 -10.92
N GLY A 343 -21.38 5.01 -10.65
CA GLY A 343 -22.46 4.06 -10.42
C GLY A 343 -22.76 3.22 -11.65
N ASP A 344 -22.60 3.83 -12.83
CA ASP A 344 -22.82 3.07 -14.09
C ASP A 344 -21.73 2.01 -14.24
N SER A 345 -20.48 2.35 -13.89
CA SER A 345 -19.37 1.42 -14.07
C SER A 345 -19.39 0.30 -13.05
N LEU A 346 -19.94 0.55 -11.85
CA LEU A 346 -20.02 -0.52 -10.85
C LEU A 346 -20.93 -1.66 -11.26
N ARG A 347 -21.77 -1.49 -12.29
CA ARG A 347 -22.62 -2.58 -12.72
C ARG A 347 -21.84 -3.66 -13.48
N ARG A 348 -20.64 -3.35 -13.95
CA ARG A 348 -19.84 -4.34 -14.66
C ARG A 348 -19.42 -5.46 -13.70
N PRO A 349 -19.36 -6.71 -14.18
CA PRO A 349 -19.02 -7.81 -13.27
C PRO A 349 -17.59 -7.79 -12.76
N GLN A 350 -16.63 -7.66 -13.67
CA GLN A 350 -15.22 -7.71 -13.28
C GLN A 350 -14.87 -6.55 -12.35
N LEU A 351 -15.31 -5.34 -12.70
CA LEU A 351 -15.02 -4.19 -11.87
C LEU A 351 -15.66 -4.35 -10.49
N ARG A 352 -16.90 -4.86 -10.44
CA ARG A 352 -17.58 -5.04 -9.17
C ARG A 352 -16.82 -6.04 -8.29
N LEU A 353 -16.45 -7.20 -8.85
CA LEU A 353 -15.78 -8.22 -8.06
C LEU A 353 -14.42 -7.73 -7.57
N TRP A 354 -13.65 -7.08 -8.45
CA TRP A 354 -12.32 -6.66 -8.04
C TRP A 354 -12.35 -5.45 -7.12
N SER A 355 -13.36 -4.59 -7.25
CA SER A 355 -13.54 -3.51 -6.29
C SER A 355 -13.91 -4.06 -4.91
N LEU A 356 -14.74 -5.10 -4.87
CA LEU A 356 -15.03 -5.75 -3.59
C LEU A 356 -13.76 -6.36 -3.00
N TRP A 357 -12.94 -6.98 -3.84
CA TRP A 357 -11.67 -7.52 -3.35
C TRP A 357 -10.80 -6.42 -2.79
N TRP A 358 -10.66 -5.31 -3.50
CA TRP A 358 -9.84 -4.22 -3.01
C TRP A 358 -10.40 -3.64 -1.71
N VAL A 359 -11.72 -3.59 -1.58
CA VAL A 359 -12.29 -3.08 -0.34
C VAL A 359 -11.99 -3.99 0.84
N PHE A 360 -12.10 -5.31 0.66
CA PHE A 360 -12.06 -6.23 1.81
C PHE A 360 -10.71 -6.90 2.00
N ASN A 361 -10.17 -7.56 0.97
CA ASN A 361 -8.91 -8.27 1.14
C ASN A 361 -7.75 -7.32 1.40
N SER A 362 -7.76 -6.15 0.77
CA SER A 362 -6.70 -5.17 1.03
C SER A 362 -6.78 -4.66 2.47
N ALA A 363 -7.99 -4.43 2.98
CA ALA A 363 -8.13 -4.04 4.38
C ALA A 363 -7.61 -5.13 5.30
N GLY A 364 -7.94 -6.37 5.02
CA GLY A 364 -7.42 -7.48 5.81
C GLY A 364 -5.90 -7.55 5.77
N TYR A 365 -5.32 -7.34 4.59
CA TYR A 365 -3.88 -7.38 4.45
C TYR A 365 -3.22 -6.25 5.23
N TYR A 366 -3.80 -5.04 5.17
CA TYR A 366 -3.25 -3.94 5.96
C TYR A 366 -3.31 -4.23 7.45
N LEU A 367 -4.44 -4.76 7.93
CA LEU A 367 -4.56 -5.11 9.34
C LEU A 367 -3.51 -6.15 9.73
N VAL A 368 -3.36 -7.18 8.91
CA VAL A 368 -2.40 -8.24 9.22
C VAL A 368 -0.99 -7.69 9.24
N VAL A 369 -0.64 -6.85 8.26
CA VAL A 369 0.73 -6.31 8.20
C VAL A 369 1.01 -5.46 9.43
N TYR A 370 0.10 -4.57 9.78
CA TYR A 370 0.33 -3.71 10.94
C TYR A 370 0.42 -4.53 12.22
N TYR A 371 -0.38 -5.59 12.34
CA TYR A 371 -0.35 -6.35 13.58
C TYR A 371 0.85 -7.28 13.67
N VAL A 372 1.35 -7.80 12.54
CA VAL A 372 2.64 -8.48 12.59
C VAL A 372 3.74 -7.49 12.97
N HIS A 373 3.66 -6.26 12.48
CA HIS A 373 4.64 -5.26 12.89
C HIS A 373 4.63 -5.05 14.39
N ILE A 374 3.45 -4.85 14.98
CA ILE A 374 3.39 -4.61 16.41
C ILE A 374 3.73 -5.88 17.20
N LEU A 375 3.43 -7.06 16.66
CA LEU A 375 3.75 -8.30 17.34
C LEU A 375 5.25 -8.54 17.39
N TRP A 376 5.94 -8.33 16.26
CA TRP A 376 7.39 -8.46 16.26
C TRP A 376 8.04 -7.37 17.10
N ASN A 377 7.48 -6.16 17.08
CA ASN A 377 7.98 -5.11 17.96
C ASN A 377 7.78 -5.48 19.43
N GLU A 378 6.62 -6.07 19.75
CA GLU A 378 6.33 -6.49 21.11
C GLU A 378 7.15 -7.72 21.50
N ARG A 387 16.03 -8.98 16.41
CA ARG A 387 15.55 -7.67 15.99
C ARG A 387 15.95 -7.39 14.54
N VAL A 388 17.17 -7.79 14.17
CA VAL A 388 17.60 -7.68 12.78
C VAL A 388 16.74 -8.56 11.89
N TYR A 389 16.21 -9.64 12.45
CA TYR A 389 15.33 -10.51 11.67
C TYR A 389 14.02 -9.81 11.32
N ASN A 390 13.60 -8.80 12.08
CA ASN A 390 12.39 -8.07 11.74
C ASN A 390 12.54 -7.33 10.42
N TRP A 391 13.62 -6.54 10.28
CA TRP A 391 13.86 -5.88 9.01
C TRP A 391 14.16 -6.89 7.92
N ALA A 392 14.84 -7.99 8.25
CA ALA A 392 15.09 -9.02 7.25
C ALA A 392 13.79 -9.55 6.68
N ALA A 393 12.83 -9.85 7.56
CA ALA A 393 11.54 -10.36 7.11
C ALA A 393 10.78 -9.33 6.31
N ASP A 394 10.79 -8.06 6.73
CA ASP A 394 10.08 -7.03 5.98
C ASP A 394 10.67 -6.86 4.58
N ALA A 395 12.00 -6.82 4.48
CA ALA A 395 12.64 -6.65 3.18
C ALA A 395 12.39 -7.86 2.29
N ALA A 396 12.50 -9.08 2.84
CA ALA A 396 12.21 -10.26 2.04
C ALA A 396 10.76 -10.29 1.59
N SER A 397 9.85 -9.82 2.45
CA SER A 397 8.44 -9.75 2.10
C SER A 397 8.21 -8.78 0.95
N THR A 398 8.85 -7.61 1.00
CA THR A 398 8.71 -6.66 -0.10
C THR A 398 9.31 -7.20 -1.39
N LEU A 399 10.45 -7.89 -1.30
CA LEU A 399 11.06 -8.47 -2.49
C LEU A 399 10.17 -9.54 -3.11
N LEU A 400 9.59 -10.42 -2.30
CA LEU A 400 8.69 -11.43 -2.83
C LEU A 400 7.43 -10.80 -3.41
N GLY A 401 6.94 -9.74 -2.77
CA GLY A 401 5.82 -9.02 -3.35
C GLY A 401 6.12 -8.45 -4.72
N ALA A 402 7.32 -7.87 -4.87
CA ALA A 402 7.73 -7.35 -6.17
C ALA A 402 7.82 -8.44 -7.21
N ILE A 403 8.42 -9.58 -6.85
CA ILE A 403 8.56 -10.69 -7.80
C ILE A 403 7.19 -11.21 -8.22
N THR A 404 6.28 -11.36 -7.26
CA THR A 404 4.94 -11.85 -7.59
C THR A 404 4.15 -10.83 -8.39
N SER A 405 4.34 -9.53 -8.15
CA SER A 405 3.69 -8.52 -8.96
C SER A 405 4.19 -8.55 -10.39
N PHE A 406 5.50 -8.74 -10.57
CA PHE A 406 6.03 -8.93 -11.92
C PHE A 406 5.42 -10.16 -12.58
N ALA A 407 5.31 -11.26 -11.83
CA ALA A 407 4.69 -12.46 -12.37
C ALA A 407 3.25 -12.21 -12.79
N ALA A 408 2.49 -11.49 -11.96
CA ALA A 408 1.12 -11.14 -12.30
C ALA A 408 1.07 -10.28 -13.56
N GLY A 409 2.04 -9.37 -13.70
CA GLY A 409 2.16 -8.65 -14.95
C GLY A 409 2.40 -9.54 -16.14
N PHE A 410 3.07 -10.67 -15.92
CA PHE A 410 3.28 -11.66 -16.98
C PHE A 410 2.15 -12.69 -17.10
N VAL A 411 1.19 -12.69 -16.19
CA VAL A 411 0.16 -13.72 -16.17
C VAL A 411 -0.73 -13.61 -17.41
N LYS A 412 -1.11 -14.75 -17.97
CA LYS A 412 -1.97 -14.82 -19.15
C LYS A 412 -3.33 -15.44 -18.85
N ILE A 413 -3.66 -15.65 -17.58
CA ILE A 413 -4.90 -16.33 -17.22
C ILE A 413 -6.09 -15.55 -17.74
N ARG A 414 -7.06 -16.25 -18.31
CA ARG A 414 -8.29 -15.60 -18.75
C ARG A 414 -9.03 -15.01 -17.54
N TRP A 415 -9.70 -13.88 -17.77
CA TRP A 415 -10.35 -13.14 -16.70
C TRP A 415 -11.87 -13.17 -16.75
N ALA A 416 -12.48 -13.38 -17.92
CA ALA A 416 -13.92 -13.53 -17.96
C ALA A 416 -14.36 -14.76 -17.17
N ARG A 417 -13.64 -15.87 -17.33
CA ARG A 417 -13.81 -17.06 -16.51
C ARG A 417 -12.45 -17.43 -15.94
N TRP A 418 -12.44 -18.39 -15.02
CA TRP A 418 -11.24 -18.79 -14.30
C TRP A 418 -10.63 -17.60 -13.58
N SER A 419 -11.49 -16.70 -13.09
CA SER A 419 -11.07 -15.53 -12.34
C SER A 419 -11.57 -15.55 -10.91
N LYS A 420 -12.85 -15.84 -10.70
CA LYS A 420 -13.36 -15.94 -9.33
C LYS A 420 -12.70 -17.09 -8.59
N LEU A 421 -12.38 -18.19 -9.28
CA LEU A 421 -11.61 -19.24 -8.64
C LEU A 421 -10.22 -18.75 -8.27
N LEU A 422 -9.63 -17.89 -9.11
CA LEU A 422 -8.29 -17.37 -8.83
C LEU A 422 -8.29 -16.54 -7.56
N ILE A 423 -9.22 -15.59 -7.45
CA ILE A 423 -9.29 -14.75 -6.26
C ILE A 423 -9.66 -15.58 -5.03
N ALA A 424 -10.56 -16.55 -5.19
CA ALA A 424 -10.92 -17.41 -4.07
C ALA A 424 -9.73 -18.21 -3.58
N GLY A 425 -8.95 -18.78 -4.50
CA GLY A 425 -7.79 -19.56 -4.09
C GLY A 425 -6.71 -18.70 -3.47
N VAL A 426 -6.49 -17.49 -4.01
CA VAL A 426 -5.49 -16.59 -3.43
C VAL A 426 -5.90 -16.18 -2.02
N THR A 427 -7.18 -15.85 -1.82
CA THR A 427 -7.64 -15.47 -0.49
C THR A 427 -7.59 -16.65 0.47
N ALA A 428 -7.89 -17.86 0.00
CA ALA A 428 -7.75 -19.04 0.85
C ALA A 428 -6.30 -19.27 1.24
N THR A 429 -5.37 -19.08 0.30
CA THR A 429 -3.95 -19.20 0.61
C THR A 429 -3.54 -18.16 1.65
N GLN A 430 -4.03 -16.93 1.52
CA GLN A 430 -3.73 -15.90 2.51
C GLN A 430 -4.30 -16.28 3.87
N ALA A 431 -5.51 -16.84 3.90
CA ALA A 431 -6.10 -17.28 5.16
C ALA A 431 -5.27 -18.38 5.80
N GLY A 432 -4.79 -19.33 5.01
CA GLY A 432 -3.94 -20.37 5.54
C GLY A 432 -2.61 -19.84 6.05
N LEU A 433 -2.04 -18.86 5.34
CA LEU A 433 -0.80 -18.25 5.80
C LEU A 433 -0.98 -17.54 7.12
N VAL A 434 -2.07 -16.80 7.28
CA VAL A 434 -2.34 -16.13 8.55
C VAL A 434 -2.63 -17.17 9.63
N PHE A 435 -3.32 -18.25 9.27
CA PHE A 435 -3.57 -19.35 10.18
C PHE A 435 -2.27 -19.90 10.75
N LEU A 436 -1.29 -20.13 9.88
CA LEU A 436 0.02 -20.58 10.34
C LEU A 436 0.72 -19.50 11.16
N LEU A 437 0.55 -18.23 10.76
CA LEU A 437 1.23 -17.13 11.43
C LEU A 437 0.78 -16.99 12.88
N ALA A 438 -0.52 -17.13 13.13
CA ALA A 438 -1.06 -16.85 14.46
C ALA A 438 -0.50 -17.80 15.51
N HIS A 439 -0.49 -19.11 15.18
CA HIS A 439 -0.14 -20.15 16.19
C HIS A 439 1.35 -20.46 16.30
N THR A 440 2.24 -19.62 15.80
CA THR A 440 3.65 -19.84 16.06
C THR A 440 3.95 -19.51 17.53
N ARG A 441 4.91 -20.22 18.09
CA ARG A 441 5.14 -20.18 19.54
C ARG A 441 6.64 -20.11 19.80
N HIS A 442 7.03 -20.38 21.03
CA HIS A 442 8.43 -20.31 21.46
C HIS A 442 9.40 -21.10 20.58
N PRO A 443 9.09 -22.34 20.13
CA PRO A 443 10.07 -23.07 19.30
C PRO A 443 10.44 -22.34 18.02
N SER A 444 11.40 -22.91 17.27
CA SER A 444 11.95 -22.26 16.10
C SER A 444 10.92 -22.03 14.99
N SER A 445 9.67 -22.42 15.20
CA SER A 445 8.63 -22.20 14.20
C SER A 445 8.46 -20.73 13.87
N ILE A 446 8.90 -19.84 14.76
CA ILE A 446 8.86 -18.41 14.48
C ILE A 446 9.62 -18.10 13.19
N TRP A 447 10.78 -18.74 13.00
CA TRP A 447 11.49 -18.60 11.73
C TRP A 447 10.59 -19.00 10.57
N LEU A 448 9.93 -20.16 10.68
CA LEU A 448 8.97 -20.56 9.66
C LEU A 448 7.84 -19.54 9.58
N CYS A 449 7.39 -19.03 10.72
CA CYS A 449 6.40 -17.96 10.71
C CYS A 449 6.92 -16.76 9.94
N TYR A 450 8.21 -16.45 10.12
CA TYR A 450 8.82 -15.34 9.39
C TYR A 450 8.66 -15.53 7.89
N ALA A 451 8.67 -16.78 7.44
CA ALA A 451 8.46 -17.05 6.02
C ALA A 451 7.01 -16.81 5.63
N ALA A 452 6.07 -17.26 6.47
CA ALA A 452 4.66 -17.22 6.10
C ALA A 452 4.21 -15.80 5.80
N PHE A 453 4.52 -14.86 6.69
CA PHE A 453 4.18 -13.46 6.45
C PHE A 453 4.71 -13.00 5.10
N VAL A 454 5.93 -13.41 4.75
CA VAL A 454 6.49 -13.08 3.45
C VAL A 454 5.58 -13.61 2.35
N LEU A 455 5.24 -14.90 2.41
CA LEU A 455 4.30 -15.46 1.45
C LEU A 455 2.98 -14.72 1.47
N PHE A 456 2.58 -14.21 2.65
CA PHE A 456 1.39 -13.39 2.73
C PHE A 456 1.49 -12.19 1.80
N ARG A 457 2.58 -11.42 1.92
CA ARG A 457 2.77 -10.33 0.98
C ARG A 457 3.23 -10.83 -0.38
N GLY A 458 3.56 -12.12 -0.49
CA GLY A 458 3.74 -12.70 -1.80
C GLY A 458 2.44 -13.07 -2.48
N SER A 459 1.32 -12.96 -1.78
CA SER A 459 0.02 -13.27 -2.35
C SER A 459 -0.81 -12.03 -2.67
N TYR A 460 -0.99 -11.14 -1.70
CA TYR A 460 -1.76 -9.93 -1.93
C TYR A 460 -1.12 -9.09 -3.03
N GLN A 461 0.20 -8.92 -2.98
CA GLN A 461 0.89 -8.17 -4.02
C GLN A 461 0.90 -8.90 -5.36
N PHE A 462 0.50 -10.17 -5.39
CA PHE A 462 0.28 -10.84 -6.66
C PHE A 462 -1.04 -10.46 -7.31
N LEU A 463 -1.97 -9.89 -6.53
CA LEU A 463 -3.28 -9.56 -7.06
C LEU A 463 -3.48 -8.06 -7.31
N VAL A 464 -2.73 -7.20 -6.63
CA VAL A 464 -2.87 -5.76 -6.89
C VAL A 464 -2.53 -5.39 -8.32
N PRO A 465 -1.41 -5.83 -8.91
CA PRO A 465 -1.19 -5.52 -10.34
C PRO A 465 -2.22 -6.13 -11.26
N ILE A 466 -2.95 -7.15 -10.81
CA ILE A 466 -4.05 -7.69 -11.58
C ILE A 466 -5.34 -6.90 -11.34
N ALA A 467 -5.71 -6.72 -10.07
CA ALA A 467 -6.96 -6.04 -9.74
C ALA A 467 -7.03 -4.68 -10.41
N THR A 468 -6.01 -3.85 -10.21
CA THR A 468 -5.97 -2.54 -10.85
C THR A 468 -6.15 -2.66 -12.36
N PHE A 469 -5.42 -3.59 -12.97
CA PHE A 469 -5.57 -3.83 -14.40
C PHE A 469 -7.02 -4.16 -14.73
N GLN A 470 -7.62 -5.07 -13.97
CA GLN A 470 -9.00 -5.45 -14.24
C GLN A 470 -9.99 -4.33 -13.94
N ILE A 471 -9.58 -3.31 -13.21
CA ILE A 471 -10.44 -2.14 -13.06
C ILE A 471 -10.13 -1.10 -14.14
N ALA A 472 -8.91 -1.11 -14.68
CA ALA A 472 -8.58 -0.19 -15.76
C ALA A 472 -9.21 -0.60 -17.07
N SER A 473 -9.58 -1.86 -17.22
CA SER A 473 -10.20 -2.36 -18.43
C SER A 473 -11.73 -2.34 -18.36
N SER A 474 -12.30 -1.79 -17.29
CA SER A 474 -13.75 -1.74 -17.14
C SER A 474 -14.27 -0.33 -16.87
N LEU A 475 -13.44 0.69 -17.04
CA LEU A 475 -13.82 2.08 -16.83
C LEU A 475 -13.73 2.82 -18.15
N SER A 476 -14.88 3.06 -18.78
CA SER A 476 -14.89 3.71 -20.09
C SER A 476 -14.33 5.13 -20.01
N LYS A 477 -14.72 5.88 -18.98
CA LYS A 477 -14.23 7.24 -18.83
C LYS A 477 -12.84 7.22 -18.18
N GLU A 478 -12.23 8.40 -18.07
CA GLU A 478 -10.94 8.54 -17.41
C GLU A 478 -11.12 8.70 -15.89
N LEU A 479 -11.85 7.77 -15.29
CA LEU A 479 -12.10 7.76 -13.86
C LEU A 479 -11.38 6.60 -13.18
N CYS A 480 -10.28 6.13 -13.77
CA CYS A 480 -9.54 5.02 -13.21
C CYS A 480 -8.91 5.35 -11.87
N ALA A 481 -8.82 6.63 -11.53
CA ALA A 481 -8.24 7.03 -10.25
C ALA A 481 -9.29 7.22 -9.17
N LEU A 482 -10.48 7.70 -9.55
CA LEU A 482 -11.56 7.85 -8.57
C LEU A 482 -11.97 6.49 -8.01
N VAL A 483 -12.06 5.47 -8.86
CA VAL A 483 -12.43 4.15 -8.37
C VAL A 483 -11.34 3.57 -7.47
N PHE A 484 -10.07 3.76 -7.85
CA PHE A 484 -8.97 3.29 -7.01
C PHE A 484 -9.02 3.99 -5.65
N GLY A 485 -9.28 5.29 -5.65
CA GLY A 485 -9.37 6.02 -4.39
C GLY A 485 -10.55 5.60 -3.54
N VAL A 486 -11.69 5.32 -4.17
CA VAL A 486 -12.85 4.82 -3.43
C VAL A 486 -12.54 3.47 -2.80
N ASN A 487 -11.88 2.59 -3.57
CA ASN A 487 -11.51 1.29 -3.02
C ASN A 487 -10.55 1.43 -1.85
N THR A 488 -9.53 2.28 -1.98
CA THR A 488 -8.59 2.49 -0.89
C THR A 488 -9.27 3.12 0.33
N PHE A 489 -10.15 4.08 0.10
CA PHE A 489 -10.87 4.74 1.19
C PHE A 489 -11.74 3.75 1.94
N PHE A 490 -12.47 2.90 1.21
CA PHE A 490 -13.33 1.92 1.86
C PHE A 490 -12.51 0.82 2.52
N ALA A 491 -11.35 0.48 1.97
CA ALA A 491 -10.46 -0.46 2.65
C ALA A 491 -9.98 0.12 3.97
N THR A 492 -9.63 1.41 3.98
CA THR A 492 -9.23 2.05 5.24
C THR A 492 -10.40 2.11 6.21
N ILE A 493 -11.61 2.36 5.70
CA ILE A 493 -12.79 2.40 6.56
C ILE A 493 -13.03 1.04 7.21
N VAL A 494 -12.93 -0.03 6.42
CA VAL A 494 -13.13 -1.37 6.96
C VAL A 494 -12.04 -1.71 7.97
N LYS A 495 -10.79 -1.36 7.65
CA LYS A 495 -9.69 -1.62 8.57
C LYS A 495 -9.89 -0.90 9.89
N THR A 496 -10.28 0.37 9.84
CA THR A 496 -10.46 1.11 11.08
C THR A 496 -11.70 0.65 11.84
N ILE A 497 -12.71 0.16 11.13
CA ILE A 497 -13.86 -0.43 11.81
C ILE A 497 -13.43 -1.66 12.60
N ILE A 498 -12.65 -2.53 11.97
CA ILE A 498 -12.17 -3.73 12.66
C ILE A 498 -11.27 -3.35 13.83
N THR A 499 -10.38 -2.38 13.63
CA THR A 499 -9.50 -1.94 14.69
C THR A 499 -10.29 -1.40 15.89
N PHE A 500 -11.32 -0.59 15.62
CA PHE A 500 -12.21 -0.15 16.68
C PHE A 500 -12.90 -1.33 17.35
N ILE A 501 -13.20 -2.37 16.57
CA ILE A 501 -13.93 -3.50 17.12
C ILE A 501 -13.06 -4.28 18.11
N VAL A 502 -11.82 -4.56 17.75
CA VAL A 502 -10.96 -5.46 18.53
C VAL A 502 -9.79 -4.73 19.16
N SER A 503 -9.07 -3.92 18.38
CA SER A 503 -7.79 -3.39 18.85
C SER A 503 -7.94 -2.47 20.06
N ASP A 504 -8.93 -1.57 20.02
CA ASP A 504 -9.06 -0.59 21.09
C ASP A 504 -9.52 -1.25 22.38
N VAL A 505 -9.10 -0.66 23.50
CA VAL A 505 -9.47 -1.18 24.82
C VAL A 505 -10.98 -1.08 25.02
N ARG A 506 -11.57 0.05 24.59
CA ARG A 506 -13.02 0.21 24.72
C ARG A 506 -13.77 -0.83 23.91
N GLY A 507 -13.16 -1.35 22.85
CA GLY A 507 -13.73 -2.42 22.06
C GLY A 507 -13.45 -3.78 22.65
N LEU A 508 -13.56 -4.80 21.80
CA LEU A 508 -13.30 -6.18 22.21
C LEU A 508 -11.79 -6.37 22.32
N GLY A 509 -11.23 -5.90 23.42
CA GLY A 509 -9.81 -6.00 23.66
C GLY A 509 -9.34 -7.43 23.88
N LEU A 510 -8.59 -7.97 22.92
CA LEU A 510 -8.07 -9.33 23.01
C LEU A 510 -6.58 -9.33 22.71
N PRO A 511 -5.84 -10.29 23.28
CA PRO A 511 -4.45 -10.51 22.89
C PRO A 511 -4.22 -10.53 21.39
N VAL A 512 -2.97 -10.32 20.97
CA VAL A 512 -2.65 -10.25 19.54
C VAL A 512 -2.92 -11.60 18.87
N ARG A 513 -2.67 -12.70 19.58
CA ARG A 513 -2.92 -14.01 19.02
C ARG A 513 -4.40 -14.22 18.70
N LYS A 514 -5.27 -13.76 19.60
CA LYS A 514 -6.70 -13.83 19.33
C LYS A 514 -7.07 -13.00 18.12
N GLN A 515 -6.47 -11.81 17.99
CA GLN A 515 -6.73 -10.97 16.82
C GLN A 515 -6.31 -11.69 15.54
N PHE A 516 -5.17 -12.38 15.57
CA PHE A 516 -4.71 -13.06 14.37
C PHE A 516 -5.57 -14.28 14.04
N GLN A 517 -6.07 -14.98 15.06
CA GLN A 517 -7.02 -16.05 14.80
C GLN A 517 -8.30 -15.49 14.17
N LEU A 518 -8.77 -14.35 14.68
CA LEU A 518 -9.95 -13.71 14.11
C LEU A 518 -9.70 -13.30 12.66
N TYR A 519 -8.51 -12.80 12.36
CA TYR A 519 -8.20 -12.43 10.98
C TYR A 519 -8.08 -13.64 10.08
N SER A 520 -7.57 -14.75 10.61
CA SER A 520 -7.58 -16.00 9.85
C SER A 520 -9.00 -16.41 9.50
N VAL A 521 -9.90 -16.32 10.48
CA VAL A 521 -11.30 -16.67 10.23
C VAL A 521 -11.93 -15.70 9.22
N TYR A 522 -11.59 -14.41 9.33
CA TYR A 522 -12.14 -13.41 8.43
C TYR A 522 -11.68 -13.61 6.99
N PHE A 523 -10.39 -13.90 6.81
CA PHE A 523 -9.89 -14.23 5.48
C PHE A 523 -10.52 -15.52 4.96
N LEU A 524 -10.70 -16.50 5.83
CA LEU A 524 -11.32 -17.76 5.42
C LEU A 524 -12.76 -17.54 4.97
N ILE A 525 -13.52 -16.73 5.69
CA ILE A 525 -14.91 -16.50 5.28
C ILE A 525 -14.97 -15.65 4.02
N LEU A 526 -14.03 -14.72 3.83
CA LEU A 526 -13.99 -13.98 2.58
C LEU A 526 -13.73 -14.92 1.41
N SER A 527 -12.76 -15.82 1.56
CA SER A 527 -12.47 -16.79 0.51
C SER A 527 -13.63 -17.74 0.28
N ILE A 528 -14.33 -18.12 1.35
CA ILE A 528 -15.48 -19.01 1.21
C ILE A 528 -16.61 -18.31 0.48
N ILE A 529 -16.84 -17.03 0.77
CA ILE A 529 -17.86 -16.28 0.06
C ILE A 529 -17.50 -16.15 -1.41
N TYR A 530 -16.22 -15.89 -1.71
CA TYR A 530 -15.81 -15.82 -3.11
C TYR A 530 -15.98 -17.16 -3.82
N PHE A 531 -15.64 -18.26 -3.13
CA PHE A 531 -15.81 -19.59 -3.71
C PHE A 531 -17.27 -19.91 -3.94
N LEU A 532 -18.14 -19.54 -3.00
CA LEU A 532 -19.58 -19.75 -3.18
C LEU A 532 -20.12 -18.93 -4.33
N GLY A 533 -19.66 -17.68 -4.47
CA GLY A 533 -20.07 -16.88 -5.61
C GLY A 533 -19.61 -17.47 -6.92
N ALA A 534 -18.38 -18.00 -6.96
CA ALA A 534 -17.89 -18.65 -8.17
C ALA A 534 -18.72 -19.88 -8.51
N MET A 535 -19.08 -20.69 -7.51
CA MET A 535 -19.83 -21.90 -7.77
C MET A 535 -21.28 -21.61 -8.15
N LEU A 536 -21.86 -20.53 -7.62
CA LEU A 536 -23.25 -20.20 -7.91
C LEU A 536 -23.42 -19.86 -9.39
N ASP A 537 -22.48 -19.12 -9.96
CA ASP A 537 -22.53 -18.73 -11.37
C ASP A 537 -21.66 -19.62 -12.25
N GLY A 538 -21.27 -20.80 -11.75
CA GLY A 538 -20.35 -21.64 -12.51
C GLY A 538 -20.93 -22.14 -13.81
N LEU A 539 -22.18 -22.58 -13.80
CA LEU A 539 -22.77 -23.21 -14.98
C LEU A 539 -23.53 -22.21 -15.85
N ARG A 540 -24.59 -21.61 -15.31
CA ARG A 540 -25.44 -20.64 -16.01
C ARG A 540 -25.77 -21.12 -17.43
N HIS A 541 -26.36 -22.31 -17.50
CA HIS A 541 -26.79 -22.88 -18.77
C HIS A 541 -27.82 -23.99 -18.54
#